data_2V3T
#
_entry.id   2V3T
#
_cell.length_a   70.971
_cell.length_b   91.031
_cell.length_c   177.393
_cell.angle_alpha   90.00
_cell.angle_beta   90.00
_cell.angle_gamma   90.00
#
_symmetry.space_group_name_H-M   'I 21 21 21'
#
loop_
_entity.id
_entity.type
_entity.pdbx_description
1 polymer 'GLUTAMATE RECEPTOR DELTA-2 SUBUNIT SYNONYM GLURDELTA2, GLUR DELTA-2'
2 non-polymer 'CALCIUM ION'
3 water water
#
_entity_poly.entity_id   1
_entity_poly.type   'polypeptide(L)'
_entity_poly.pdbx_seq_one_letter_code
;GGVVLRVVTVLEEPFV(MSE)VSENVLGKPKKYQGFSIDVLDALSNYLGFNYEIYVAPDHKYGSPQEDGTWNGLVGELVF
KRADIGISALTITPDRENVVDFTTRY(MSE)DYSVGVLLRRGTSIQSLQDLSKQTDIPYGTVLDSAVYQHVR(MSE)KGL
NPFERDS(MSE)YSQ(MSE)WR(MSE)INRSNGSENNVLESQAGIQKVKYGNYAFVWDAAVLEYVAINDPDCSFYTVGNT
VADRGYGIALQHGSPYRDVFSQRILELQQSGD(MSE)DILKHKWWPKNGQCDL
;
_entity_poly.pdbx_strand_id   A,B
#
loop_
_chem_comp.id
_chem_comp.type
_chem_comp.name
_chem_comp.formula
CA non-polymer 'CALCIUM ION' 'Ca 2'
#
# COMPACT_ATOMS: atom_id res chain seq x y z
N GLY A 2 -31.14 0.17 10.39
CA GLY A 2 -29.74 -0.30 10.19
C GLY A 2 -29.47 -1.61 10.92
N VAL A 3 -29.28 -2.68 10.14
CA VAL A 3 -29.01 -4.01 10.68
C VAL A 3 -27.71 -4.03 11.48
N VAL A 4 -27.61 -5.00 12.38
CA VAL A 4 -26.44 -5.16 13.26
C VAL A 4 -25.50 -6.26 12.79
N LEU A 5 -24.22 -5.92 12.63
CA LEU A 5 -23.24 -6.90 12.21
C LEU A 5 -22.34 -7.29 13.38
N ARG A 6 -21.94 -8.54 13.40
CA ARG A 6 -21.09 -9.07 14.45
C ARG A 6 -19.67 -8.71 14.13
N VAL A 7 -19.02 -8.04 15.06
CA VAL A 7 -17.63 -7.65 14.88
C VAL A 7 -16.78 -8.39 15.87
N VAL A 8 -15.78 -9.10 15.38
CA VAL A 8 -14.89 -9.83 16.28
C VAL A 8 -13.53 -9.12 16.22
N THR A 9 -12.93 -8.92 17.38
CA THR A 9 -11.64 -8.24 17.42
C THR A 9 -10.59 -8.98 18.21
N VAL A 10 -9.40 -8.40 18.22
CA VAL A 10 -8.26 -8.91 18.94
C VAL A 10 -7.58 -7.71 19.57
N LEU A 11 -7.45 -7.70 20.88
CA LEU A 11 -6.81 -6.57 21.55
C LEU A 11 -5.36 -6.43 21.09
N GLU A 12 -4.99 -5.18 20.79
CA GLU A 12 -3.66 -4.83 20.33
C GLU A 12 -3.62 -3.30 20.39
N GLU A 13 -2.80 -2.73 21.26
CA GLU A 13 -2.77 -1.27 21.31
C GLU A 13 -1.87 -0.74 20.21
N PRO A 14 -2.26 0.36 19.56
CA PRO A 14 -3.50 1.11 19.80
C PRO A 14 -4.58 0.80 18.77
N PHE A 15 -4.53 -0.39 18.20
CA PHE A 15 -5.53 -0.75 17.20
C PHE A 15 -6.89 -1.03 17.84
N VAL A 16 -6.93 -1.97 18.76
CA VAL A 16 -8.17 -2.26 19.42
C VAL A 16 -7.89 -2.35 20.92
N MSE A 17 -8.58 -1.52 21.68
CA MSE A 17 -8.41 -1.49 23.14
C MSE A 17 -9.72 -1.39 23.88
O MSE A 17 -10.73 -0.92 23.36
CB MSE A 17 -7.57 -0.29 23.56
CG MSE A 17 -6.25 -0.14 22.86
SE MSE A 17 -5.54 1.52 23.49
CE MSE A 17 -5.89 2.58 21.93
N VAL A 18 -9.71 -1.84 25.12
CA VAL A 18 -10.89 -1.74 25.95
C VAL A 18 -10.79 -0.33 26.53
N SER A 19 -11.75 0.52 26.18
CA SER A 19 -11.75 1.90 26.65
C SER A 19 -12.55 2.04 27.93
N GLU A 20 -13.57 1.21 28.06
CA GLU A 20 -14.43 1.21 29.21
C GLU A 20 -14.81 -0.22 29.57
N ASN A 21 -14.76 -0.50 30.87
CA ASN A 21 -15.12 -1.80 31.42
C ASN A 21 -15.34 -1.58 32.91
N VAL A 22 -16.54 -1.13 33.26
CA VAL A 22 -16.86 -0.87 34.64
C VAL A 22 -17.97 -1.80 35.09
N LEU A 23 -17.82 -2.31 36.31
CA LEU A 23 -18.81 -3.23 36.85
C LEU A 23 -20.23 -2.67 36.63
N GLY A 24 -21.04 -3.44 35.92
CA GLY A 24 -22.40 -3.00 35.67
C GLY A 24 -22.60 -2.30 34.34
N LYS A 25 -21.53 -2.20 33.56
CA LYS A 25 -21.62 -1.54 32.26
C LYS A 25 -21.08 -2.44 31.16
N PRO A 26 -21.49 -2.19 29.90
CA PRO A 26 -21.07 -2.96 28.72
C PRO A 26 -19.69 -2.47 28.29
N LYS A 27 -18.83 -3.39 27.86
CA LYS A 27 -17.49 -3.00 27.45
C LYS A 27 -17.50 -2.10 26.23
N LYS A 28 -16.71 -1.04 26.29
CA LYS A 28 -16.58 -0.12 25.18
C LYS A 28 -15.14 -0.24 24.71
N TYR A 29 -14.91 0.01 23.42
CA TYR A 29 -13.56 -0.09 22.86
C TYR A 29 -13.17 1.15 22.07
N GLN A 30 -11.87 1.37 21.90
CA GLN A 30 -11.36 2.50 21.12
C GLN A 30 -10.09 2.08 20.38
N GLY A 31 -9.59 2.97 19.53
CA GLY A 31 -8.37 2.69 18.76
C GLY A 31 -8.50 2.91 17.27
N PHE A 32 -7.36 3.03 16.59
CA PHE A 32 -7.34 3.24 15.14
C PHE A 32 -8.23 2.29 14.34
N SER A 33 -8.18 1.00 14.65
CA SER A 33 -9.00 0.01 13.94
C SER A 33 -10.49 0.26 14.20
N ILE A 34 -10.83 0.65 15.42
CA ILE A 34 -12.21 0.96 15.79
C ILE A 34 -12.65 2.25 15.04
N ASP A 35 -11.75 3.22 14.94
CA ASP A 35 -12.07 4.45 14.24
C ASP A 35 -12.46 4.12 12.80
N VAL A 36 -11.68 3.26 12.16
CA VAL A 36 -11.99 2.88 10.80
C VAL A 36 -13.36 2.20 10.72
N LEU A 37 -13.68 1.38 11.71
CA LEU A 37 -14.98 0.71 11.73
C LEU A 37 -16.09 1.75 11.85
N ASP A 38 -15.85 2.80 12.62
CA ASP A 38 -16.87 3.85 12.81
C ASP A 38 -17.02 4.73 11.58
N ALA A 39 -15.91 4.97 10.89
CA ALA A 39 -15.96 5.74 9.67
C ALA A 39 -16.79 4.95 8.65
N LEU A 40 -16.63 3.63 8.60
CA LEU A 40 -17.39 2.79 7.66
C LEU A 40 -18.85 2.66 8.12
N SER A 41 -19.08 2.50 9.42
CA SER A 41 -20.44 2.36 9.94
C SER A 41 -21.25 3.63 9.80
N ASN A 42 -20.59 4.76 10.02
CA ASN A 42 -21.26 6.04 9.91
C ASN A 42 -21.71 6.34 8.47
N TYR A 43 -20.91 5.94 7.49
CA TYR A 43 -21.22 6.20 6.09
C TYR A 43 -22.18 5.18 5.50
N LEU A 44 -21.86 3.89 5.64
CA LEU A 44 -22.71 2.84 5.09
C LEU A 44 -23.97 2.58 5.90
N GLY A 45 -24.11 3.30 7.00
CA GLY A 45 -25.29 3.17 7.84
C GLY A 45 -25.62 1.86 8.54
N PHE A 46 -24.61 1.06 8.84
CA PHE A 46 -24.87 -0.21 9.53
C PHE A 46 -24.43 -0.09 10.99
N ASN A 47 -25.01 -0.90 11.86
CA ASN A 47 -24.64 -0.86 13.27
C ASN A 47 -23.90 -2.12 13.66
N TYR A 48 -23.48 -2.23 14.92
CA TYR A 48 -22.74 -3.42 15.32
C TYR A 48 -22.56 -3.68 16.81
N GLU A 49 -22.14 -4.91 17.12
CA GLU A 49 -21.85 -5.34 18.49
C GLU A 49 -20.47 -5.98 18.43
N ILE A 50 -19.58 -5.58 19.33
CA ILE A 50 -18.21 -6.09 19.36
C ILE A 50 -17.95 -7.15 20.43
N TYR A 51 -17.10 -8.10 20.09
CA TYR A 51 -16.71 -9.17 21.00
C TYR A 51 -15.28 -9.56 20.64
N VAL A 52 -14.51 -10.02 21.63
CA VAL A 52 -13.13 -10.40 21.39
C VAL A 52 -12.99 -11.88 21.01
N ALA A 53 -11.96 -12.19 20.22
CA ALA A 53 -11.72 -13.57 19.83
C ALA A 53 -11.45 -14.33 21.14
N PRO A 54 -12.26 -15.34 21.43
CA PRO A 54 -12.13 -16.17 22.65
C PRO A 54 -10.71 -16.55 23.04
N ASP A 55 -9.86 -16.80 22.04
CA ASP A 55 -8.48 -17.18 22.29
C ASP A 55 -7.48 -16.04 22.17
N HIS A 56 -7.97 -14.84 21.87
CA HIS A 56 -7.13 -13.65 21.72
C HIS A 56 -6.08 -13.87 20.65
N LYS A 57 -6.43 -14.73 19.69
CA LYS A 57 -5.56 -15.08 18.58
C LYS A 57 -6.09 -14.53 17.26
N TYR A 58 -5.17 -14.14 16.39
CA TYR A 58 -5.55 -13.61 15.10
C TYR A 58 -6.10 -14.73 14.21
N GLY A 59 -5.55 -15.92 14.35
CA GLY A 59 -6.01 -17.03 13.55
C GLY A 59 -4.93 -17.73 12.75
N SER A 60 -4.75 -19.02 13.01
CA SER A 60 -3.75 -19.84 12.33
C SER A 60 -4.38 -21.10 11.79
N PRO A 61 -3.84 -21.63 10.69
CA PRO A 61 -4.38 -22.85 10.10
C PRO A 61 -4.35 -24.03 11.08
N THR A 66 -8.81 -26.94 10.24
CA THR A 66 -9.67 -25.78 10.46
C THR A 66 -8.91 -24.62 11.09
N TRP A 67 -9.55 -23.45 11.13
CA TRP A 67 -8.93 -22.23 11.68
C TRP A 67 -9.31 -21.82 13.09
N ASN A 68 -8.34 -21.25 13.81
CA ASN A 68 -8.56 -20.79 15.16
C ASN A 68 -8.59 -19.25 15.17
N GLY A 69 -8.60 -18.66 16.36
CA GLY A 69 -8.60 -17.22 16.48
C GLY A 69 -9.71 -16.47 15.74
N LEU A 70 -9.42 -15.20 15.43
CA LEU A 70 -10.35 -14.32 14.73
C LEU A 70 -10.78 -14.86 13.36
N VAL A 71 -9.81 -15.27 12.56
CA VAL A 71 -10.10 -15.80 11.24
C VAL A 71 -11.04 -16.98 11.40
N GLY A 72 -10.83 -17.76 12.45
CA GLY A 72 -11.68 -18.90 12.70
C GLY A 72 -13.10 -18.47 12.97
N GLU A 73 -13.28 -17.42 13.76
CA GLU A 73 -14.62 -16.93 14.09
C GLU A 73 -15.36 -16.58 12.81
N LEU A 74 -14.61 -16.16 11.80
CA LEU A 74 -15.19 -15.79 10.52
C LEU A 74 -15.48 -17.03 9.66
N VAL A 75 -14.56 -17.99 9.69
CA VAL A 75 -14.74 -19.20 8.90
C VAL A 75 -15.93 -19.99 9.42
N PHE A 76 -16.17 -19.91 10.72
CA PHE A 76 -17.30 -20.61 11.31
C PHE A 76 -18.51 -19.70 11.38
N LYS A 77 -18.46 -18.61 10.62
CA LYS A 77 -19.55 -17.64 10.55
C LYS A 77 -20.16 -17.21 11.87
N ARG A 78 -19.34 -17.10 12.92
CA ARG A 78 -19.80 -16.65 14.23
C ARG A 78 -19.75 -15.14 14.25
N ALA A 79 -18.97 -14.59 13.32
CA ALA A 79 -18.80 -13.15 13.18
C ALA A 79 -19.13 -12.75 11.74
N ASP A 80 -19.20 -11.43 11.49
CA ASP A 80 -19.49 -10.86 10.19
C ASP A 80 -18.26 -10.10 9.71
N ILE A 81 -17.68 -9.35 10.64
CA ILE A 81 -16.51 -8.53 10.39
C ILE A 81 -15.44 -8.90 11.42
N GLY A 82 -14.18 -8.62 11.09
CA GLY A 82 -13.08 -8.88 12.01
C GLY A 82 -12.15 -7.68 12.01
N ILE A 83 -12.35 -6.75 12.94
CA ILE A 83 -11.52 -5.56 12.99
C ILE A 83 -10.33 -5.72 13.95
N SER A 84 -9.12 -5.66 13.43
CA SER A 84 -7.94 -5.77 14.25
C SER A 84 -6.71 -5.49 13.41
N ALA A 85 -5.54 -5.54 14.04
CA ALA A 85 -4.30 -5.31 13.33
C ALA A 85 -3.96 -6.57 12.52
N LEU A 86 -5.01 -7.22 12.01
CA LEU A 86 -4.90 -8.45 11.21
C LEU A 86 -4.19 -8.21 9.87
N THR A 87 -3.06 -8.86 9.65
CA THR A 87 -2.33 -8.68 8.39
C THR A 87 -2.92 -9.55 7.29
N ILE A 88 -2.87 -9.04 6.07
CA ILE A 88 -3.39 -9.74 4.90
C ILE A 88 -2.39 -10.75 4.37
N THR A 89 -2.71 -12.03 4.51
CA THR A 89 -1.81 -13.04 4.02
C THR A 89 -2.57 -14.00 3.13
N PRO A 90 -1.85 -14.66 2.22
CA PRO A 90 -2.47 -15.62 1.28
C PRO A 90 -3.30 -16.70 1.97
N ASP A 91 -2.70 -17.40 2.94
CA ASP A 91 -3.42 -18.45 3.67
C ASP A 91 -4.78 -18.00 4.14
N ARG A 92 -4.81 -16.86 4.84
CA ARG A 92 -6.06 -16.32 5.38
C ARG A 92 -7.01 -15.93 4.26
N GLU A 93 -6.50 -15.20 3.27
CA GLU A 93 -7.32 -14.79 2.14
C GLU A 93 -8.02 -15.98 1.49
N ASN A 94 -7.46 -17.17 1.67
CA ASN A 94 -8.03 -18.38 1.11
C ASN A 94 -9.31 -18.73 1.85
N VAL A 95 -9.25 -18.75 3.17
CA VAL A 95 -10.43 -19.09 4.00
C VAL A 95 -11.41 -17.98 4.29
N VAL A 96 -10.99 -16.73 4.12
CA VAL A 96 -11.87 -15.58 4.36
C VAL A 96 -11.66 -14.49 3.29
N ASP A 97 -12.50 -13.47 3.29
CA ASP A 97 -12.39 -12.37 2.33
C ASP A 97 -11.92 -11.05 2.98
N PHE A 98 -10.89 -10.45 2.41
CA PHE A 98 -10.34 -9.20 2.92
C PHE A 98 -10.71 -7.97 2.11
N THR A 99 -10.63 -6.82 2.74
CA THR A 99 -10.88 -5.54 2.07
C THR A 99 -9.51 -5.13 1.55
N THR A 100 -9.36 -3.84 1.26
CA THR A 100 -8.09 -3.29 0.83
C THR A 100 -7.34 -3.07 2.13
N ARG A 101 -6.02 -3.03 2.08
CA ARG A 101 -5.26 -2.76 3.29
C ARG A 101 -5.69 -1.38 3.78
N TYR A 102 -5.90 -1.21 5.08
CA TYR A 102 -6.31 0.10 5.56
C TYR A 102 -5.15 0.84 6.21
N MSE A 103 -4.00 0.18 6.17
CA MSE A 103 -2.76 0.72 6.68
C MSE A 103 -1.69 -0.28 6.30
O MSE A 103 -2.00 -1.47 6.17
CB MSE A 103 -2.82 0.89 8.20
CG MSE A 103 -1.50 1.33 8.79
SE MSE A 103 -1.65 1.82 10.63
CE MSE A 103 -0.02 2.84 10.81
N ASP A 104 -0.46 0.19 6.13
CA ASP A 104 0.65 -0.68 5.75
C ASP A 104 1.32 -1.24 6.99
N TYR A 105 1.67 -2.52 6.94
CA TYR A 105 2.34 -3.17 8.06
C TYR A 105 3.85 -3.16 7.89
N SER A 106 4.57 -2.78 8.93
CA SER A 106 6.03 -2.71 8.87
C SER A 106 6.73 -3.24 10.12
N VAL A 107 7.98 -3.64 9.92
CA VAL A 107 8.80 -4.16 11.00
C VAL A 107 9.67 -3.04 11.54
N GLY A 108 9.63 -2.82 12.85
CA GLY A 108 10.43 -1.77 13.44
C GLY A 108 11.33 -2.26 14.56
N VAL A 109 12.14 -1.35 15.09
CA VAL A 109 13.03 -1.70 16.19
C VAL A 109 12.91 -0.75 17.36
N LEU A 110 12.73 -1.30 18.56
CA LEU A 110 12.65 -0.50 19.75
C LEU A 110 14.08 -0.41 20.32
N LEU A 111 14.56 0.80 20.51
CA LEU A 111 15.90 1.04 21.06
C LEU A 111 15.76 1.83 22.37
N ARG A 112 16.86 1.92 23.10
CA ARG A 112 16.88 2.64 24.37
C ARG A 112 17.68 3.93 24.19
N ARG A 113 17.03 5.05 24.52
CA ARG A 113 17.63 6.37 24.42
C ARG A 113 19.16 6.39 24.40
N SER A 116 22.30 5.23 19.52
CA SER A 116 23.07 5.68 18.36
C SER A 116 22.55 5.11 17.04
N ILE A 117 21.86 3.98 17.12
CA ILE A 117 21.31 3.33 15.93
C ILE A 117 20.24 4.25 15.31
N GLN A 118 20.19 4.27 13.98
CA GLN A 118 19.23 5.12 13.29
C GLN A 118 18.43 4.39 12.21
N SER A 119 18.79 3.14 11.93
CA SER A 119 18.10 2.35 10.92
C SER A 119 18.31 0.86 11.16
N LEU A 120 17.49 0.03 10.50
CA LEU A 120 17.65 -1.40 10.64
C LEU A 120 19.02 -1.78 10.10
N GLN A 121 19.56 -0.91 9.24
CA GLN A 121 20.87 -1.13 8.66
C GLN A 121 21.97 -0.99 9.68
N ASP A 122 21.91 0.05 10.50
CA ASP A 122 22.92 0.26 11.53
C ASP A 122 22.77 -0.83 12.57
N LEU A 123 21.53 -1.09 12.94
CA LEU A 123 21.21 -2.10 13.94
C LEU A 123 21.78 -3.44 13.50
N SER A 124 21.87 -3.63 12.18
CA SER A 124 22.38 -4.86 11.60
C SER A 124 23.84 -4.79 11.15
N LYS A 125 24.60 -3.86 11.70
CA LYS A 125 26.01 -3.72 11.36
C LYS A 125 26.79 -3.69 12.66
N GLN A 126 26.06 -3.47 13.75
CA GLN A 126 26.65 -3.43 15.06
C GLN A 126 26.30 -4.73 15.78
N THR A 127 26.88 -4.93 16.96
CA THR A 127 26.61 -6.12 17.76
C THR A 127 26.61 -5.73 19.23
N ASP A 128 27.15 -4.55 19.52
CA ASP A 128 27.22 -4.09 20.90
C ASP A 128 25.84 -4.27 21.53
N ILE A 129 24.82 -4.05 20.72
CA ILE A 129 23.46 -4.21 21.17
C ILE A 129 22.82 -5.45 20.53
N PRO A 130 22.64 -6.51 21.33
CA PRO A 130 22.02 -7.70 20.77
C PRO A 130 20.56 -7.35 20.43
N TYR A 131 19.95 -8.09 19.52
CA TYR A 131 18.57 -7.79 19.16
C TYR A 131 17.81 -9.01 18.67
N GLY A 132 16.52 -9.10 19.02
CA GLY A 132 15.73 -10.24 18.60
C GLY A 132 14.26 -9.92 18.57
N THR A 133 13.44 -10.93 18.32
CA THR A 133 11.99 -10.74 18.26
C THR A 133 11.29 -11.74 19.17
N VAL A 134 10.11 -12.17 18.75
CA VAL A 134 9.31 -13.15 19.47
C VAL A 134 9.54 -14.43 18.69
N LEU A 135 10.17 -15.40 19.33
CA LEU A 135 10.49 -16.67 18.68
C LEU A 135 9.32 -17.28 17.94
N ASP A 136 9.59 -17.72 16.71
CA ASP A 136 8.61 -18.38 15.83
C ASP A 136 7.43 -17.55 15.36
N SER A 137 7.42 -16.29 15.75
CA SER A 137 6.36 -15.38 15.36
C SER A 137 6.47 -14.99 13.88
N ALA A 138 5.48 -14.22 13.43
CA ALA A 138 5.42 -13.72 12.06
C ALA A 138 6.72 -12.99 11.71
N VAL A 139 7.15 -12.10 12.60
CA VAL A 139 8.36 -11.32 12.39
C VAL A 139 9.61 -12.22 12.32
N TYR A 140 9.68 -13.23 13.18
CA TYR A 140 10.82 -14.13 13.18
C TYR A 140 10.97 -14.75 11.79
N GLN A 141 9.87 -15.32 11.29
CA GLN A 141 9.82 -15.97 9.98
C GLN A 141 10.11 -14.98 8.87
N HIS A 142 9.64 -13.75 9.04
CA HIS A 142 9.86 -12.75 8.01
C HIS A 142 11.33 -12.47 7.83
N VAL A 143 12.03 -12.32 8.94
CA VAL A 143 13.45 -12.03 8.89
C VAL A 143 14.22 -13.24 8.34
N ARG A 144 13.74 -14.43 8.68
CA ARG A 144 14.35 -15.67 8.19
C ARG A 144 14.20 -15.70 6.69
N MSE A 145 12.96 -15.83 6.24
CA MSE A 145 12.65 -15.88 4.83
C MSE A 145 13.49 -14.89 4.02
O MSE A 145 14.14 -15.27 3.03
CB MSE A 145 11.17 -15.57 4.61
CG MSE A 145 10.62 -16.09 3.30
SE MSE A 145 9.10 -15.09 2.74
CE MSE A 145 7.83 -15.61 4.11
N LYS A 146 13.49 -13.64 4.45
CA LYS A 146 14.28 -12.63 3.76
C LYS A 146 15.76 -12.93 3.88
N GLY A 147 16.22 -13.20 5.09
CA GLY A 147 17.63 -13.48 5.30
C GLY A 147 18.27 -14.55 4.44
N LEU A 148 17.47 -15.48 3.91
CA LEU A 148 17.99 -16.57 3.09
C LEU A 148 17.51 -16.48 1.64
N ASN A 149 17.65 -15.32 1.00
CA ASN A 149 17.14 -15.14 -0.37
C ASN A 149 17.88 -15.57 -1.64
N PRO A 150 18.78 -14.69 -2.14
CA PRO A 150 19.60 -14.81 -3.35
C PRO A 150 18.78 -15.11 -4.62
N SER A 155 20.98 -5.60 1.78
CA SER A 155 21.52 -6.90 2.14
C SER A 155 21.87 -6.95 3.64
N MSE A 156 20.91 -6.51 4.47
CA MSE A 156 21.05 -6.45 5.93
C MSE A 156 20.35 -7.62 6.63
O MSE A 156 20.82 -8.15 7.63
CB MSE A 156 20.43 -5.16 6.43
CG MSE A 156 18.94 -5.11 6.12
SE MSE A 156 18.07 -3.46 6.51
CE MSE A 156 16.40 -4.14 7.21
N TYR A 157 19.19 -8.00 6.09
CA TYR A 157 18.41 -9.08 6.66
C TYR A 157 19.23 -10.30 6.97
N SER A 158 20.19 -10.61 6.12
CA SER A 158 21.05 -11.79 6.32
C SER A 158 21.89 -11.64 7.59
N GLN A 159 22.31 -10.41 7.86
CA GLN A 159 23.10 -10.11 9.04
C GLN A 159 22.20 -10.01 10.25
N MSE A 160 20.91 -9.80 10.00
CA MSE A 160 19.95 -9.72 11.09
C MSE A 160 19.57 -11.13 11.47
O MSE A 160 19.41 -11.44 12.65
CB MSE A 160 18.70 -8.97 10.65
CG MSE A 160 18.92 -7.51 10.36
SE MSE A 160 17.28 -6.52 10.57
CE MSE A 160 16.47 -6.91 8.86
N TRP A 161 19.43 -12.00 10.48
CA TRP A 161 19.07 -13.39 10.72
C TRP A 161 20.25 -14.09 11.40
N ARG A 162 21.44 -13.87 10.87
CA ARG A 162 22.65 -14.46 11.44
C ARG A 162 22.63 -14.15 12.94
N MSE A 163 22.23 -12.91 13.26
CA MSE A 163 22.14 -12.40 14.63
C MSE A 163 20.94 -12.97 15.40
O MSE A 163 21.12 -13.71 16.38
CB MSE A 163 22.05 -10.88 14.59
CG MSE A 163 21.43 -10.21 15.83
SE MSE A 163 22.48 -10.27 17.45
CE MSE A 163 21.16 -11.02 18.63
N ILE A 164 19.74 -12.59 14.99
CA ILE A 164 18.52 -13.04 15.65
C ILE A 164 18.46 -14.55 15.84
N ASN A 165 18.76 -15.28 14.77
CA ASN A 165 18.73 -16.74 14.83
C ASN A 165 19.81 -17.35 15.72
N ASN A 172 18.19 -17.85 22.38
CA ASN A 172 19.47 -17.13 22.42
C ASN A 172 19.27 -15.63 22.62
N ASN A 173 18.69 -14.96 21.63
CA ASN A 173 18.47 -13.51 21.71
C ASN A 173 17.03 -13.08 21.52
N VAL A 174 16.16 -14.03 21.14
CA VAL A 174 14.75 -13.77 20.91
C VAL A 174 13.97 -13.92 22.23
N LEU A 175 12.65 -14.08 22.17
CA LEU A 175 11.86 -14.23 23.40
C LEU A 175 10.37 -14.37 23.06
N GLU A 176 9.51 -14.17 24.05
CA GLU A 176 8.07 -14.31 23.83
C GLU A 176 7.27 -13.26 24.59
N SER A 177 6.61 -10.84 24.16
CA SER A 177 6.53 -9.52 23.58
C SER A 177 6.85 -8.43 24.59
N GLN A 178 6.08 -8.38 25.68
CA GLN A 178 6.33 -7.40 26.73
C GLN A 178 7.70 -7.67 27.29
N ALA A 179 8.08 -8.95 27.31
CA ALA A 179 9.38 -9.34 27.80
C ALA A 179 10.40 -8.54 27.01
N GLY A 180 10.22 -8.47 25.69
CA GLY A 180 11.15 -7.74 24.84
C GLY A 180 11.09 -6.25 25.12
N ILE A 181 9.88 -5.73 25.23
CA ILE A 181 9.67 -4.32 25.51
C ILE A 181 10.46 -3.97 26.76
N GLN A 182 10.27 -4.80 27.78
CA GLN A 182 10.90 -4.61 29.07
C GLN A 182 12.41 -4.80 29.04
N LYS A 183 12.89 -5.70 28.20
CA LYS A 183 14.34 -5.92 28.09
C LYS A 183 15.01 -4.58 27.78
N VAL A 184 14.54 -3.95 26.72
CA VAL A 184 15.07 -2.67 26.27
C VAL A 184 15.03 -1.61 27.38
N LYS A 185 13.98 -1.66 28.19
CA LYS A 185 13.80 -0.70 29.27
C LYS A 185 14.82 -0.79 30.39
N TYR A 186 15.05 -1.98 30.93
CA TYR A 186 16.00 -2.17 32.04
C TYR A 186 17.19 -3.09 31.72
N GLY A 187 17.67 -3.04 30.47
CA GLY A 187 18.79 -3.86 30.07
C GLY A 187 19.28 -3.47 28.68
N ASN A 188 20.35 -4.09 28.21
CA ASN A 188 20.87 -3.76 26.88
C ASN A 188 20.26 -4.70 25.85
N TYR A 189 19.30 -4.19 25.06
CA TYR A 189 18.63 -5.02 24.06
C TYR A 189 17.67 -4.25 23.15
N ALA A 190 17.73 -4.51 21.85
CA ALA A 190 16.85 -3.88 20.89
C ALA A 190 15.79 -4.92 20.53
N PHE A 191 14.54 -4.48 20.35
CA PHE A 191 13.47 -5.41 20.03
C PHE A 191 12.85 -5.16 18.66
N VAL A 192 13.04 -6.12 17.75
CA VAL A 192 12.48 -6.03 16.42
C VAL A 192 11.06 -6.60 16.53
N TRP A 193 10.07 -5.85 16.04
CA TRP A 193 8.68 -6.28 16.12
C TRP A 193 7.81 -5.35 15.28
N ASP A 194 6.49 -5.48 15.39
CA ASP A 194 5.55 -4.65 14.65
C ASP A 194 5.83 -3.18 14.93
N ALA A 195 6.16 -2.42 13.91
CA ALA A 195 6.47 -0.99 14.06
C ALA A 195 5.36 -0.06 14.58
N ALA A 196 4.10 -0.35 14.29
CA ALA A 196 3.03 0.52 14.77
C ALA A 196 2.85 0.30 16.28
N VAL A 197 2.99 -0.96 16.66
CA VAL A 197 2.87 -1.36 18.04
C VAL A 197 3.99 -0.66 18.76
N LEU A 198 5.22 -0.92 18.32
CA LEU A 198 6.38 -0.32 18.95
C LEU A 198 6.26 1.17 19.13
N GLU A 199 6.03 1.87 18.02
CA GLU A 199 5.89 3.32 18.02
C GLU A 199 4.92 3.83 19.08
N TYR A 200 3.81 3.12 19.26
CA TYR A 200 2.82 3.50 20.27
C TYR A 200 3.47 3.31 21.64
N VAL A 201 4.08 2.15 21.82
CA VAL A 201 4.77 1.83 23.06
C VAL A 201 5.73 2.96 23.36
N ALA A 202 6.48 3.39 22.34
CA ALA A 202 7.44 4.46 22.52
C ALA A 202 6.75 5.74 22.95
N ILE A 203 5.91 6.27 22.07
CA ILE A 203 5.22 7.51 22.34
C ILE A 203 4.63 7.62 23.75
N ASN A 204 3.93 6.57 24.17
CA ASN A 204 3.28 6.58 25.46
C ASN A 204 4.05 6.00 26.65
N ASP A 205 5.37 6.13 26.66
CA ASP A 205 6.14 5.60 27.78
C ASP A 205 6.26 6.68 28.85
N PRO A 206 5.80 6.37 30.09
CA PRO A 206 5.84 7.28 31.24
C PRO A 206 7.18 7.96 31.47
N ASP A 207 8.27 7.27 31.15
CA ASP A 207 9.59 7.87 31.34
C ASP A 207 10.30 8.24 30.04
N CYS A 208 9.62 8.06 28.91
CA CYS A 208 10.20 8.40 27.61
C CYS A 208 11.60 7.82 27.48
N SER A 209 11.70 6.51 27.65
CA SER A 209 13.00 5.84 27.56
C SER A 209 13.24 5.19 26.20
N PHE A 210 12.25 5.25 25.31
CA PHE A 210 12.36 4.63 24.00
C PHE A 210 12.36 5.56 22.78
N TYR A 211 12.88 5.04 21.68
CA TYR A 211 12.88 5.73 20.40
C TYR A 211 12.85 4.60 19.37
N THR A 212 12.20 4.82 18.24
CA THR A 212 12.07 3.79 17.22
C THR A 212 12.75 4.11 15.89
N VAL A 213 12.96 3.06 15.10
CA VAL A 213 13.59 3.17 13.81
C VAL A 213 12.99 2.13 12.88
N THR A 216 11.77 0.22 8.19
CA THR A 216 11.06 0.68 7.00
C THR A 216 10.58 -0.49 6.13
N VAL A 217 10.24 -0.15 4.87
CA VAL A 217 9.73 -1.08 3.85
C VAL A 217 8.36 -1.62 4.28
N ALA A 218 7.58 -2.09 3.32
CA ALA A 218 6.26 -2.64 3.61
C ALA A 218 5.99 -3.89 2.81
N ASP A 219 6.03 -5.03 3.49
CA ASP A 219 5.81 -6.31 2.84
C ASP A 219 4.33 -6.61 2.60
N ARG A 220 3.48 -5.94 3.37
CA ARG A 220 2.06 -6.18 3.26
C ARG A 220 1.25 -5.13 4.01
N GLY A 221 0.06 -5.54 4.46
CA GLY A 221 -0.77 -4.60 5.16
C GLY A 221 -1.89 -5.16 6.01
N TYR A 222 -2.35 -4.32 6.93
CA TYR A 222 -3.41 -4.64 7.87
C TYR A 222 -4.76 -4.62 7.16
N GLY A 223 -5.58 -5.63 7.38
CA GLY A 223 -6.84 -5.63 6.71
C GLY A 223 -8.04 -5.83 7.59
N ILE A 224 -9.19 -5.84 6.94
CA ILE A 224 -10.46 -6.06 7.59
C ILE A 224 -11.00 -7.31 6.92
N ALA A 225 -11.31 -8.33 7.70
CA ALA A 225 -11.81 -9.56 7.11
C ALA A 225 -13.31 -9.70 7.27
N LEU A 226 -13.93 -10.35 6.29
CA LEU A 226 -15.36 -10.57 6.30
C LEU A 226 -15.52 -12.05 5.94
N GLN A 227 -16.66 -12.64 6.26
CA GLN A 227 -16.76 -14.04 5.92
C GLN A 227 -16.83 -14.25 4.44
N HIS A 228 -16.03 -15.21 4.00
CA HIS A 228 -15.90 -15.62 2.60
C HIS A 228 -17.12 -15.40 1.73
N GLY A 229 -17.01 -14.49 0.77
CA GLY A 229 -18.14 -14.19 -0.10
C GLY A 229 -19.07 -13.16 0.48
N SER A 230 -18.61 -12.45 1.50
CA SER A 230 -19.42 -11.43 2.13
C SER A 230 -19.84 -10.39 1.10
N PRO A 231 -21.03 -9.84 1.27
CA PRO A 231 -21.54 -8.83 0.36
C PRO A 231 -21.12 -7.43 0.79
N TYR A 232 -20.32 -7.34 1.85
CA TYR A 232 -19.88 -6.04 2.32
C TYR A 232 -18.46 -5.67 1.88
N ARG A 233 -17.66 -6.67 1.52
CA ARG A 233 -16.29 -6.44 1.09
C ARG A 233 -16.09 -5.29 0.10
N ASP A 234 -16.88 -5.31 -0.97
CA ASP A 234 -16.78 -4.30 -2.03
C ASP A 234 -16.96 -2.87 -1.55
N VAL A 235 -18.12 -2.59 -0.99
CA VAL A 235 -18.39 -1.24 -0.52
C VAL A 235 -17.43 -0.84 0.60
N PHE A 236 -16.96 -1.84 1.36
CA PHE A 236 -16.04 -1.57 2.45
C PHE A 236 -14.73 -1.07 1.89
N SER A 237 -14.22 -1.77 0.88
CA SER A 237 -12.97 -1.37 0.28
C SER A 237 -13.08 0.01 -0.32
N GLN A 238 -14.22 0.30 -0.94
CA GLN A 238 -14.40 1.61 -1.53
C GLN A 238 -14.20 2.69 -0.47
N ARG A 239 -14.93 2.54 0.64
CA ARG A 239 -14.85 3.50 1.74
C ARG A 239 -13.46 3.59 2.34
N ILE A 240 -12.73 2.48 2.33
CA ILE A 240 -11.39 2.51 2.88
C ILE A 240 -10.48 3.32 1.96
N LEU A 241 -10.57 3.05 0.65
CA LEU A 241 -9.75 3.76 -0.36
C LEU A 241 -10.02 5.27 -0.31
N GLU A 242 -11.30 5.62 -0.15
CA GLU A 242 -11.70 6.99 -0.08
C GLU A 242 -11.08 7.65 1.16
N LEU A 243 -11.10 6.97 2.30
CA LEU A 243 -10.50 7.54 3.52
C LEU A 243 -8.99 7.70 3.32
N GLN A 244 -8.39 6.79 2.56
CA GLN A 244 -6.96 6.85 2.34
C GLN A 244 -6.57 7.93 1.37
N GLN A 245 -7.25 7.97 0.23
CA GLN A 245 -6.92 8.95 -0.79
C GLN A 245 -7.37 10.40 -0.53
N SER A 246 -8.25 10.58 0.45
CA SER A 246 -8.77 11.91 0.79
C SER A 246 -7.87 12.54 1.84
N GLY A 247 -7.20 11.69 2.60
CA GLY A 247 -6.29 12.14 3.65
C GLY A 247 -6.85 11.94 5.03
N ASP A 248 -8.07 11.42 5.13
CA ASP A 248 -8.69 11.17 6.43
C ASP A 248 -7.96 10.15 7.31
N MSE A 249 -7.46 9.07 6.71
CA MSE A 249 -6.71 8.07 7.47
C MSE A 249 -5.66 8.76 8.33
O MSE A 249 -5.45 8.40 9.48
CB MSE A 249 -5.98 7.11 6.56
CG MSE A 249 -6.83 6.01 6.02
SE MSE A 249 -7.62 5.04 7.45
CE MSE A 249 -8.28 3.54 6.43
N ASP A 250 -4.99 9.74 7.74
CA ASP A 250 -3.96 10.44 8.47
C ASP A 250 -4.53 11.22 9.63
N ILE A 251 -5.68 11.85 9.43
CA ILE A 251 -6.26 12.55 10.57
C ILE A 251 -6.41 11.47 11.65
N LEU A 252 -6.87 10.29 11.27
CA LEU A 252 -7.03 9.22 12.24
C LEU A 252 -5.67 8.67 12.76
N LYS A 253 -4.68 8.58 11.89
CA LYS A 253 -3.39 8.07 12.37
C LYS A 253 -2.72 8.95 13.42
N HIS A 254 -2.82 10.27 13.26
CA HIS A 254 -2.22 11.21 14.22
C HIS A 254 -2.79 11.07 15.63
N LYS A 255 -4.06 10.67 15.73
CA LYS A 255 -4.72 10.47 17.02
C LYS A 255 -4.01 9.41 17.87
N TRP A 256 -3.51 8.37 17.22
CA TRP A 256 -2.85 7.31 17.96
C TRP A 256 -1.33 7.31 17.83
N TRP A 257 -0.81 8.00 16.80
CA TRP A 257 0.63 8.06 16.55
C TRP A 257 1.03 9.48 16.22
N PRO A 258 1.00 10.36 17.22
CA PRO A 258 1.37 11.74 16.91
C PRO A 258 2.81 12.07 17.25
N LYS A 259 3.62 12.49 16.27
CA LYS A 259 4.98 12.88 16.63
C LYS A 259 4.87 14.37 16.94
N ASN A 260 3.78 14.69 17.63
CA ASN A 260 3.46 16.05 17.99
C ASN A 260 3.67 16.33 19.47
N GLY A 261 4.84 16.01 20.01
CA GLY A 261 5.07 16.34 21.40
C GLY A 261 5.78 15.42 22.40
N GLN A 262 5.00 15.02 23.41
CA GLN A 262 5.40 14.16 24.54
C GLN A 262 6.83 13.62 24.60
N CYS A 263 7.17 12.59 23.84
CA CYS A 263 8.54 12.06 23.91
C CYS A 263 9.44 12.47 22.75
N ASP A 264 10.28 11.63 22.34
N VAL B 3 -9.93 -22.30 -20.82
CA VAL B 3 -10.54 -21.29 -21.76
C VAL B 3 -9.61 -20.11 -22.00
N VAL B 4 -10.14 -19.13 -22.75
CA VAL B 4 -9.39 -17.94 -23.09
C VAL B 4 -10.05 -16.69 -22.53
N LEU B 5 -9.28 -15.91 -21.78
CA LEU B 5 -9.77 -14.70 -21.15
C LEU B 5 -9.31 -13.46 -21.90
N ARG B 6 -10.20 -12.51 -22.05
CA ARG B 6 -9.90 -11.26 -22.74
C ARG B 6 -9.21 -10.28 -21.79
N VAL B 7 -7.96 -9.95 -22.11
CA VAL B 7 -7.16 -9.01 -21.31
C VAL B 7 -7.03 -7.67 -22.01
N VAL B 8 -7.47 -6.60 -21.36
CA VAL B 8 -7.35 -5.27 -21.94
C VAL B 8 -6.12 -4.62 -21.30
N THR B 9 -5.66 -3.50 -21.84
CA THR B 9 -4.47 -2.86 -21.28
C THR B 9 -4.24 -1.49 -21.86
N VAL B 10 -3.26 -0.80 -21.29
CA VAL B 10 -2.88 0.53 -21.75
C VAL B 10 -1.37 0.51 -21.82
N LEU B 11 -0.83 0.85 -22.97
CA LEU B 11 0.61 0.86 -23.09
C LEU B 11 1.19 1.85 -22.09
N GLU B 12 2.24 1.41 -21.39
CA GLU B 12 2.89 2.22 -20.38
C GLU B 12 4.19 1.52 -19.99
N GLU B 13 5.31 2.22 -20.11
CA GLU B 13 6.58 1.63 -19.77
C GLU B 13 6.92 1.91 -18.31
N PRO B 14 7.42 0.90 -17.57
CA PRO B 14 7.71 -0.44 -18.08
C PRO B 14 6.61 -1.44 -17.73
N PHE B 15 5.41 -0.97 -17.42
CA PHE B 15 4.36 -1.89 -17.06
C PHE B 15 3.93 -2.79 -18.21
N VAL B 16 3.48 -2.20 -19.32
CA VAL B 16 3.07 -2.99 -20.47
C VAL B 16 3.59 -2.34 -21.73
N MSE B 17 4.40 -3.06 -22.48
CA MSE B 17 4.98 -2.52 -23.70
C MSE B 17 4.87 -3.49 -24.84
O MSE B 17 4.55 -4.66 -24.65
CB MSE B 17 6.45 -2.21 -23.48
CG MSE B 17 6.75 -1.46 -22.22
SE MSE B 17 8.62 -1.53 -21.86
CE MSE B 17 8.68 -3.36 -21.25
N VAL B 18 5.14 -3.00 -26.04
CA VAL B 18 5.12 -3.88 -27.19
C VAL B 18 6.57 -4.36 -27.26
N SER B 19 6.74 -5.67 -27.39
CA SER B 19 8.07 -6.26 -27.46
C SER B 19 8.32 -6.75 -28.88
N GLU B 20 7.29 -7.31 -29.48
CA GLU B 20 7.36 -7.86 -30.82
C GLU B 20 6.21 -7.41 -31.69
N ASN B 21 6.57 -6.82 -32.82
CA ASN B 21 5.61 -6.37 -33.80
C ASN B 21 6.36 -6.45 -35.12
N VAL B 22 6.14 -7.55 -35.83
CA VAL B 22 6.81 -7.75 -37.12
C VAL B 22 5.83 -8.39 -38.09
N LEU B 23 5.86 -7.90 -39.32
CA LEU B 23 4.96 -8.34 -40.37
C LEU B 23 4.39 -9.75 -40.25
N GLY B 24 3.11 -9.85 -40.61
CA GLY B 24 2.39 -11.13 -40.60
C GLY B 24 2.52 -11.89 -39.30
N LYS B 25 2.39 -11.18 -38.19
CA LYS B 25 2.51 -11.83 -36.89
C LYS B 25 1.68 -11.06 -35.87
N PRO B 26 1.20 -11.76 -34.83
CA PRO B 26 0.38 -11.16 -33.76
C PRO B 26 1.34 -10.44 -32.80
N LYS B 27 0.95 -9.25 -32.33
CA LYS B 27 1.82 -8.49 -31.43
C LYS B 27 2.16 -9.23 -30.15
N LYS B 28 3.38 -9.00 -29.65
CA LYS B 28 3.83 -9.61 -28.40
C LYS B 28 4.15 -8.53 -27.36
N TYR B 29 3.54 -8.63 -26.19
CA TYR B 29 3.78 -7.64 -25.13
C TYR B 29 4.65 -8.18 -24.02
N GLN B 30 5.36 -7.26 -23.37
CA GLN B 30 6.23 -7.60 -22.26
C GLN B 30 6.08 -6.54 -21.18
N GLY B 31 6.71 -6.76 -20.02
CA GLY B 31 6.63 -5.79 -18.95
C GLY B 31 6.22 -6.32 -17.60
N PHE B 32 6.58 -5.58 -16.56
CA PHE B 32 6.26 -5.93 -15.19
C PHE B 32 4.82 -6.45 -15.04
N SER B 33 3.84 -5.70 -15.54
CA SER B 33 2.45 -6.14 -15.44
C SER B 33 2.20 -7.45 -16.21
N ILE B 34 2.94 -7.63 -17.29
CA ILE B 34 2.81 -8.82 -18.13
C ILE B 34 3.33 -10.06 -17.40
N ASP B 35 4.45 -9.90 -16.70
CA ASP B 35 5.00 -11.01 -15.92
C ASP B 35 3.97 -11.42 -14.86
N VAL B 36 3.42 -10.44 -14.14
CA VAL B 36 2.43 -10.71 -13.12
C VAL B 36 1.27 -11.50 -13.73
N LEU B 37 0.76 -11.04 -14.87
CA LEU B 37 -0.34 -11.74 -15.54
C LEU B 37 0.07 -13.19 -15.85
N ASP B 38 1.26 -13.37 -16.38
CA ASP B 38 1.75 -14.71 -16.69
C ASP B 38 1.78 -15.57 -15.41
N ALA B 39 2.24 -14.97 -14.31
CA ALA B 39 2.31 -15.67 -13.03
C ALA B 39 0.91 -16.19 -12.70
N LEU B 40 -0.10 -15.36 -12.87
CA LEU B 40 -1.47 -15.77 -12.57
C LEU B 40 -1.93 -16.85 -13.56
N SER B 41 -1.64 -16.61 -14.83
CA SER B 41 -2.01 -17.53 -15.90
C SER B 41 -1.45 -18.92 -15.65
N ASN B 42 -0.18 -19.01 -15.30
CA ASN B 42 0.42 -20.31 -15.08
C ASN B 42 -0.17 -21.00 -13.87
N TYR B 43 -0.38 -20.25 -12.79
CA TYR B 43 -0.91 -20.86 -11.59
C TYR B 43 -2.36 -21.30 -11.72
N LEU B 44 -3.22 -20.41 -12.19
CA LEU B 44 -4.63 -20.77 -12.36
C LEU B 44 -4.87 -21.46 -13.69
N GLY B 45 -3.79 -21.67 -14.44
CA GLY B 45 -3.87 -22.32 -15.73
C GLY B 45 -4.89 -21.86 -16.76
N PHE B 46 -4.98 -20.56 -17.01
CA PHE B 46 -5.90 -20.05 -18.02
C PHE B 46 -5.09 -19.38 -19.10
N ASN B 47 -5.71 -19.17 -20.27
CA ASN B 47 -5.02 -18.53 -21.37
C ASN B 47 -5.75 -17.25 -21.74
N TYR B 48 -4.99 -16.29 -22.29
CA TYR B 48 -5.56 -15.01 -22.63
C TYR B 48 -5.09 -14.45 -23.96
N GLU B 49 -5.85 -13.45 -24.43
CA GLU B 49 -5.57 -12.74 -25.66
C GLU B 49 -5.56 -11.25 -25.29
N ILE B 50 -4.41 -10.60 -25.49
CA ILE B 50 -4.27 -9.19 -25.15
C ILE B 50 -4.78 -8.24 -26.22
N TYR B 51 -5.34 -7.11 -25.79
CA TYR B 51 -5.82 -6.08 -26.71
C TYR B 51 -5.74 -4.74 -25.97
N VAL B 52 -5.43 -3.67 -26.69
CA VAL B 52 -5.27 -2.36 -26.05
C VAL B 52 -6.56 -1.55 -25.96
N ALA B 53 -6.67 -0.80 -24.87
CA ALA B 53 -7.83 0.06 -24.63
C ALA B 53 -8.12 0.84 -25.88
N PRO B 54 -9.32 0.67 -26.44
CA PRO B 54 -9.68 1.39 -27.66
C PRO B 54 -9.29 2.87 -27.61
N ASP B 55 -9.53 3.51 -26.47
CA ASP B 55 -9.25 4.93 -26.32
C ASP B 55 -7.94 5.31 -25.63
N HIS B 56 -7.03 4.36 -25.50
CA HIS B 56 -5.72 4.61 -24.90
C HIS B 56 -5.74 5.27 -23.51
N LYS B 57 -6.87 5.21 -22.81
CA LYS B 57 -6.98 5.82 -21.48
C LYS B 57 -7.33 4.81 -20.40
N TYR B 58 -6.89 5.07 -19.17
CA TYR B 58 -7.21 4.14 -18.09
C TYR B 58 -8.70 4.16 -17.79
N GLY B 59 -9.37 5.25 -18.10
CA GLY B 59 -10.80 5.32 -17.89
C GLY B 59 -11.31 6.35 -16.89
N SER B 60 -12.28 7.15 -17.31
CA SER B 60 -12.84 8.15 -16.44
C SER B 60 -14.35 8.12 -16.50
N PRO B 61 -15.01 8.40 -15.37
CA PRO B 61 -16.47 8.38 -15.34
C PRO B 61 -16.98 9.50 -16.26
N GLN B 62 -17.55 9.15 -17.40
CA GLN B 62 -18.03 10.17 -18.31
C GLN B 62 -19.45 10.62 -18.00
N GLU B 63 -19.70 11.90 -18.27
CA GLU B 63 -20.99 12.53 -18.03
C GLU B 63 -22.22 11.87 -18.64
N ASP B 64 -22.04 10.70 -19.24
CA ASP B 64 -23.17 9.98 -19.82
C ASP B 64 -23.68 9.02 -18.74
N GLY B 65 -22.84 8.80 -17.73
CA GLY B 65 -23.20 7.91 -16.66
C GLY B 65 -22.54 6.57 -16.94
N THR B 66 -21.55 6.60 -17.82
CA THR B 66 -20.84 5.39 -18.20
C THR B 66 -19.36 5.70 -18.30
N TRP B 67 -18.54 4.66 -18.15
CA TRP B 67 -17.08 4.81 -18.20
C TRP B 67 -16.49 4.57 -19.58
N ASN B 68 -15.44 5.31 -19.87
CA ASN B 68 -14.74 5.20 -21.13
C ASN B 68 -13.48 4.43 -20.79
N GLY B 69 -12.50 4.45 -21.69
CA GLY B 69 -11.24 3.79 -21.45
C GLY B 69 -11.26 2.31 -21.14
N LEU B 70 -10.26 1.89 -20.36
CA LEU B 70 -10.06 0.51 -19.95
C LEU B 70 -11.10 0.03 -18.93
N VAL B 71 -11.32 0.84 -17.90
CA VAL B 71 -12.30 0.49 -16.87
C VAL B 71 -13.63 0.22 -17.57
N GLY B 72 -13.88 1.00 -18.61
CA GLY B 72 -15.10 0.88 -19.37
C GLY B 72 -15.21 -0.44 -20.09
N GLU B 73 -14.08 -0.97 -20.54
CA GLU B 73 -14.11 -2.26 -21.24
C GLU B 73 -14.62 -3.35 -20.31
N LEU B 74 -14.33 -3.23 -19.03
CA LEU B 74 -14.77 -4.19 -18.03
C LEU B 74 -16.23 -3.99 -17.64
N VAL B 75 -16.65 -2.74 -17.55
CA VAL B 75 -18.03 -2.46 -17.18
C VAL B 75 -18.96 -3.00 -18.26
N PHE B 76 -18.57 -2.84 -19.52
CA PHE B 76 -19.37 -3.31 -20.65
C PHE B 76 -19.07 -4.77 -20.98
N LYS B 77 -18.41 -5.45 -20.05
CA LYS B 77 -18.06 -6.86 -20.22
C LYS B 77 -17.44 -7.25 -21.56
N ARG B 78 -16.51 -6.44 -22.05
CA ARG B 78 -15.82 -6.72 -23.31
C ARG B 78 -14.49 -7.39 -23.00
N ALA B 79 -14.02 -7.16 -21.79
CA ALA B 79 -12.77 -7.73 -21.31
C ALA B 79 -13.09 -8.49 -20.02
N ASP B 80 -12.19 -9.35 -19.59
CA ASP B 80 -12.38 -10.12 -18.36
C ASP B 80 -11.38 -9.62 -17.31
N ILE B 81 -10.20 -9.23 -17.79
CA ILE B 81 -9.13 -8.74 -16.94
C ILE B 81 -8.65 -7.37 -17.42
N GLY B 82 -8.22 -6.54 -16.47
CA GLY B 82 -7.69 -5.24 -16.81
C GLY B 82 -6.27 -5.23 -16.27
N ILE B 83 -5.28 -5.00 -17.13
CA ILE B 83 -3.90 -4.99 -16.69
C ILE B 83 -3.17 -3.74 -17.11
N SER B 84 -2.35 -3.21 -16.22
CA SER B 84 -1.55 -2.02 -16.48
C SER B 84 -1.30 -1.26 -15.21
N ALA B 85 -0.63 -0.13 -15.33
CA ALA B 85 -0.33 0.71 -14.20
C ALA B 85 -1.60 1.42 -13.74
N LEU B 86 -2.66 0.62 -13.55
CA LEU B 86 -3.96 1.11 -13.11
C LEU B 86 -4.01 1.14 -11.57
N THR B 87 -4.36 2.29 -11.01
CA THR B 87 -4.44 2.40 -9.56
C THR B 87 -5.82 2.09 -9.04
N ILE B 88 -5.86 1.57 -7.82
CA ILE B 88 -7.11 1.21 -7.19
C ILE B 88 -7.66 2.47 -6.53
N THR B 89 -8.76 2.96 -7.08
CA THR B 89 -9.38 4.16 -6.56
C THR B 89 -10.85 3.88 -6.28
N PRO B 90 -11.44 4.63 -5.33
CA PRO B 90 -12.83 4.46 -4.96
C PRO B 90 -13.80 4.56 -6.12
N ASP B 91 -13.66 5.63 -6.91
CA ASP B 91 -14.55 5.77 -8.06
C ASP B 91 -14.49 4.54 -8.93
N ARG B 92 -13.27 4.07 -9.21
CA ARG B 92 -13.07 2.88 -10.03
C ARG B 92 -13.63 1.59 -9.41
N GLU B 93 -13.20 1.28 -8.18
CA GLU B 93 -13.63 0.07 -7.50
C GLU B 93 -15.14 -0.03 -7.35
N ASN B 94 -15.82 1.09 -7.52
CA ASN B 94 -17.26 1.08 -7.38
C ASN B 94 -17.94 0.42 -8.55
N VAL B 95 -17.30 0.48 -9.71
CA VAL B 95 -17.87 -0.08 -10.93
C VAL B 95 -17.19 -1.35 -11.42
N VAL B 96 -16.02 -1.65 -10.89
CA VAL B 96 -15.29 -2.85 -11.29
C VAL B 96 -14.63 -3.44 -10.04
N ASP B 97 -14.20 -4.70 -10.12
CA ASP B 97 -13.55 -5.32 -8.96
C ASP B 97 -12.03 -5.39 -9.11
N PHE B 98 -11.32 -4.89 -8.10
CA PHE B 98 -9.85 -4.91 -8.08
C PHE B 98 -9.26 -6.01 -7.19
N THR B 99 -8.09 -6.50 -7.55
CA THR B 99 -7.41 -7.51 -6.75
C THR B 99 -6.64 -6.67 -5.76
N THR B 100 -5.90 -7.29 -4.86
CA THR B 100 -5.15 -6.47 -3.93
C THR B 100 -4.08 -5.82 -4.79
N ARG B 101 -3.57 -4.69 -4.33
CA ARG B 101 -2.52 -3.99 -5.06
C ARG B 101 -1.40 -4.98 -5.30
N TYR B 102 -0.68 -4.83 -6.41
CA TYR B 102 0.43 -5.72 -6.67
C TYR B 102 1.75 -4.97 -6.60
N MSE B 103 1.64 -3.67 -6.38
CA MSE B 103 2.79 -2.79 -6.24
C MSE B 103 2.28 -1.42 -5.79
O MSE B 103 1.14 -1.05 -6.06
CB MSE B 103 3.51 -2.65 -7.58
CG MSE B 103 4.76 -1.81 -7.53
SE MSE B 103 5.54 -1.53 -9.27
CE MSE B 103 6.99 -0.36 -8.79
N ASP B 104 3.13 -0.68 -5.09
CA ASP B 104 2.72 0.64 -4.64
C ASP B 104 2.97 1.75 -5.65
N TYR B 105 2.07 2.73 -5.64
CA TYR B 105 2.14 3.88 -6.51
C TYR B 105 2.56 5.15 -5.76
N SER B 106 3.74 5.65 -6.09
CA SER B 106 4.28 6.86 -5.46
C SER B 106 4.45 7.93 -6.51
N VAL B 107 4.39 9.19 -6.10
CA VAL B 107 4.60 10.28 -7.04
C VAL B 107 6.08 10.56 -6.93
N GLY B 108 6.71 10.84 -8.06
CA GLY B 108 8.13 11.13 -8.05
C GLY B 108 8.43 12.35 -8.88
N VAL B 109 9.72 12.68 -8.96
CA VAL B 109 10.14 13.83 -9.73
C VAL B 109 11.35 13.48 -10.58
N LEU B 110 11.32 13.88 -11.85
CA LEU B 110 12.41 13.65 -12.78
C LEU B 110 13.20 14.95 -12.94
N LEU B 111 14.49 14.90 -12.63
CA LEU B 111 15.36 16.08 -12.74
C LEU B 111 16.49 15.78 -13.74
N ARG B 112 17.29 16.81 -14.01
CA ARG B 112 18.42 16.67 -14.94
C ARG B 112 19.72 16.74 -14.14
N ARG B 113 20.63 15.80 -14.39
CA ARG B 113 21.92 15.74 -13.71
C ARG B 113 22.52 17.12 -13.48
N GLY B 114 23.14 17.32 -12.32
CA GLY B 114 23.73 18.62 -12.03
C GLY B 114 23.09 19.30 -10.85
N THR B 115 21.80 19.04 -10.64
CA THR B 115 21.06 19.62 -9.53
C THR B 115 21.25 18.79 -8.26
N SER B 116 20.64 19.20 -7.17
CA SER B 116 20.77 18.45 -5.93
C SER B 116 19.49 18.46 -5.10
N ILE B 117 18.35 18.24 -5.74
CA ILE B 117 17.08 18.21 -5.03
C ILE B 117 16.88 16.79 -4.49
N GLN B 118 16.89 16.67 -3.17
CA GLN B 118 16.78 15.39 -2.49
C GLN B 118 15.36 14.86 -2.30
N SER B 119 14.36 15.69 -2.57
CA SER B 119 13.00 15.23 -2.36
C SER B 119 11.95 16.12 -2.98
N LEU B 120 10.69 15.77 -2.76
CA LEU B 120 9.59 16.57 -3.27
C LEU B 120 9.55 17.82 -2.37
N GLN B 121 10.00 17.66 -1.14
CA GLN B 121 10.04 18.75 -0.16
C GLN B 121 10.98 19.84 -0.65
N ASP B 122 12.17 19.43 -1.09
CA ASP B 122 13.16 20.34 -1.60
C ASP B 122 12.63 21.03 -2.85
N LEU B 123 12.27 20.21 -3.85
CA LEU B 123 11.74 20.71 -5.11
C LEU B 123 10.70 21.79 -4.84
N SER B 124 10.02 21.63 -3.71
CA SER B 124 8.97 22.51 -3.24
C SER B 124 9.48 23.83 -2.69
N LYS B 125 10.65 23.77 -2.06
CA LYS B 125 11.25 24.95 -1.45
C LYS B 125 12.19 25.76 -2.34
N GLN B 126 12.16 25.52 -3.65
CA GLN B 126 12.99 26.28 -4.59
C GLN B 126 12.11 26.64 -5.79
N THR B 127 12.45 27.74 -6.47
CA THR B 127 11.67 28.16 -7.63
C THR B 127 12.59 28.28 -8.84
N ASP B 128 13.90 28.25 -8.58
CA ASP B 128 14.92 28.36 -9.62
C ASP B 128 14.73 27.32 -10.76
N ILE B 129 14.34 26.11 -10.38
CA ILE B 129 14.08 25.03 -11.33
C ILE B 129 12.55 24.86 -11.41
N PRO B 130 11.91 25.46 -12.42
CA PRO B 130 10.45 25.32 -12.51
C PRO B 130 10.04 23.87 -12.70
N TYR B 131 8.88 23.51 -12.15
CA TYR B 131 8.38 22.14 -12.26
C TYR B 131 6.91 22.04 -12.60
N GLY B 132 6.46 20.81 -12.87
CA GLY B 132 5.06 20.57 -13.19
C GLY B 132 4.74 19.12 -13.47
N THR B 133 3.50 18.87 -13.85
CA THR B 133 3.08 17.51 -14.15
C THR B 133 2.21 17.53 -15.41
N VAL B 134 1.39 16.51 -15.61
CA VAL B 134 0.53 16.48 -16.79
C VAL B 134 -0.76 17.24 -16.49
N LEU B 135 -1.10 18.18 -17.36
CA LEU B 135 -2.28 19.01 -17.19
C LEU B 135 -3.52 18.15 -17.00
N ASP B 136 -4.27 18.48 -15.93
CA ASP B 136 -5.50 17.78 -15.56
C ASP B 136 -5.35 16.29 -15.33
N SER B 137 -4.12 15.83 -15.11
CA SER B 137 -3.87 14.41 -14.87
C SER B 137 -4.17 14.05 -13.42
N ALA B 138 -3.93 12.80 -13.05
CA ALA B 138 -4.17 12.36 -11.67
C ALA B 138 -3.28 13.14 -10.68
N VAL B 139 -1.98 13.22 -10.97
CA VAL B 139 -1.05 13.96 -10.13
C VAL B 139 -1.46 15.42 -10.00
N TYR B 140 -1.83 16.04 -11.12
CA TYR B 140 -2.26 17.44 -11.12
C TYR B 140 -3.36 17.65 -10.06
N GLN B 141 -4.37 16.77 -10.08
CA GLN B 141 -5.46 16.81 -9.12
C GLN B 141 -4.94 16.69 -7.69
N HIS B 142 -4.23 15.61 -7.38
CA HIS B 142 -3.69 15.39 -6.04
C HIS B 142 -3.01 16.64 -5.52
N VAL B 143 -2.15 17.23 -6.35
CA VAL B 143 -1.43 18.43 -5.96
C VAL B 143 -2.40 19.55 -5.65
N ARG B 144 -3.37 19.76 -6.55
CA ARG B 144 -4.35 20.82 -6.36
C ARG B 144 -5.17 20.58 -5.11
N MSE B 145 -5.50 19.33 -4.86
CA MSE B 145 -6.29 18.93 -3.69
C MSE B 145 -5.61 19.28 -2.36
O MSE B 145 -6.16 20.00 -1.53
CB MSE B 145 -6.58 17.43 -3.73
CG MSE B 145 -7.87 17.00 -3.02
SE MSE B 145 -7.77 15.25 -2.17
CE MSE B 145 -7.19 14.21 -3.72
N LYS B 146 -4.40 18.74 -2.16
CA LYS B 146 -3.65 18.98 -0.93
C LYS B 146 -3.05 20.39 -0.80
N GLY B 147 -2.96 21.12 -1.90
CA GLY B 147 -2.39 22.46 -1.82
C GLY B 147 -3.46 23.50 -1.57
N LEU B 148 -4.70 23.10 -1.83
CA LEU B 148 -5.85 23.96 -1.66
C LEU B 148 -6.57 23.74 -0.34
N ASN B 149 -6.42 22.54 0.22
CA ASN B 149 -7.11 22.22 1.47
C ASN B 149 -6.79 23.14 2.66
N PRO B 150 -7.81 23.79 3.21
CA PRO B 150 -7.68 24.72 4.34
C PRO B 150 -7.80 24.05 5.70
N PHE B 151 -8.48 22.91 5.74
CA PHE B 151 -8.66 22.18 6.99
C PHE B 151 -7.31 21.71 7.51
N GLU B 152 -6.42 21.39 6.58
CA GLU B 152 -5.07 20.97 6.93
C GLU B 152 -4.15 21.47 5.83
N ARG B 153 -3.63 22.68 6.03
CA ARG B 153 -2.76 23.33 5.07
C ARG B 153 -1.36 22.76 5.04
N ASP B 154 -1.11 22.00 3.99
CA ASP B 154 0.18 21.37 3.77
C ASP B 154 1.06 22.41 3.09
N SER B 155 2.03 22.94 3.84
CA SER B 155 2.94 23.96 3.31
C SER B 155 3.62 23.55 2.00
N MSE B 156 4.05 22.29 1.94
CA MSE B 156 4.72 21.80 0.74
C MSE B 156 3.83 21.83 -0.47
O MSE B 156 4.18 22.42 -1.49
CB MSE B 156 5.21 20.38 0.96
CG MSE B 156 5.84 19.76 -0.27
SE MSE B 156 6.38 17.95 0.08
CE MSE B 156 4.71 17.01 -0.25
N TYR B 157 2.66 21.20 -0.38
CA TYR B 157 1.74 21.14 -1.49
C TYR B 157 1.18 22.50 -1.90
N SER B 158 1.18 23.44 -0.98
CA SER B 158 0.69 24.77 -1.26
C SER B 158 1.64 25.41 -2.28
N GLN B 159 2.94 25.25 -2.04
CA GLN B 159 3.97 25.78 -2.94
C GLN B 159 3.83 25.08 -4.27
N MSE B 160 3.93 23.77 -4.18
CA MSE B 160 3.80 22.85 -5.29
C MSE B 160 2.61 23.34 -6.12
O MSE B 160 2.72 23.52 -7.33
CB MSE B 160 3.53 21.47 -4.71
CG MSE B 160 3.80 20.30 -5.61
SE MSE B 160 5.05 19.15 -4.74
CE MSE B 160 4.14 18.90 -3.09
N TRP B 161 1.50 23.58 -5.47
CA TRP B 161 0.30 24.04 -6.15
C TRP B 161 0.43 25.40 -6.81
N ARG B 162 1.06 26.38 -6.17
CA ARG B 162 1.13 27.67 -6.84
C ARG B 162 2.14 27.69 -7.98
N MSE B 163 3.02 26.68 -8.05
CA MSE B 163 3.99 26.60 -9.14
C MSE B 163 3.29 25.98 -10.35
O MSE B 163 3.40 26.48 -11.48
CB MSE B 163 5.18 25.71 -8.76
CG MSE B 163 6.13 25.36 -9.93
SE MSE B 163 7.40 26.76 -10.43
CE MSE B 163 6.63 27.34 -12.07
N ILE B 164 2.57 24.88 -10.10
CA ILE B 164 1.85 24.17 -11.14
C ILE B 164 0.84 25.03 -11.90
N ASN B 165 0.10 25.87 -11.17
CA ASN B 165 -0.90 26.69 -11.83
C ASN B 165 -0.47 28.15 -12.03
N ARG B 166 0.85 28.36 -12.14
CA ARG B 166 1.42 29.70 -12.29
C ARG B 166 0.82 30.66 -13.32
N SER B 167 -0.15 30.18 -14.08
CA SER B 167 -0.80 31.01 -15.08
C SER B 167 -2.00 30.20 -15.50
N ASN B 168 -2.42 29.35 -14.58
CA ASN B 168 -3.52 28.44 -14.78
C ASN B 168 -3.03 27.23 -15.58
N GLY B 169 -1.74 26.93 -15.46
CA GLY B 169 -1.20 25.77 -16.13
C GLY B 169 -0.46 25.92 -17.45
N SER B 170 -0.53 27.10 -18.05
CA SER B 170 0.16 27.31 -19.33
C SER B 170 1.68 27.30 -19.19
N GLU B 171 2.19 27.94 -18.14
CA GLU B 171 3.62 28.01 -17.92
C GLU B 171 4.39 26.69 -17.81
N ASN B 172 4.11 25.93 -16.75
CA ASN B 172 4.85 24.71 -16.46
C ASN B 172 4.25 23.34 -16.69
N ASN B 173 3.03 23.25 -17.19
CA ASN B 173 2.49 21.91 -17.40
C ASN B 173 2.59 21.42 -18.84
N VAL B 174 2.89 20.13 -18.97
CA VAL B 174 2.98 19.49 -20.28
C VAL B 174 1.68 18.73 -20.39
N LEU B 175 1.27 18.38 -21.61
CA LEU B 175 0.00 17.68 -21.76
C LEU B 175 0.16 16.21 -22.14
N GLU B 176 1.39 15.71 -22.03
CA GLU B 176 1.71 14.33 -22.32
C GLU B 176 2.93 13.93 -21.50
N SER B 177 2.97 12.66 -21.13
CA SER B 177 4.10 12.16 -20.35
C SER B 177 5.39 12.55 -21.05
N GLN B 178 5.62 11.93 -22.19
CA GLN B 178 6.81 12.16 -22.99
C GLN B 178 7.24 13.63 -23.08
N ALA B 179 6.27 14.53 -23.11
CA ALA B 179 6.55 15.97 -23.21
C ALA B 179 7.32 16.47 -22.02
N GLY B 180 6.85 16.14 -20.83
CA GLY B 180 7.52 16.57 -19.61
C GLY B 180 8.90 15.96 -19.48
N ILE B 181 9.01 14.67 -19.80
CA ILE B 181 10.29 13.98 -19.70
C ILE B 181 11.31 14.68 -20.58
N GLN B 182 10.93 14.94 -21.82
CA GLN B 182 11.82 15.59 -22.77
C GLN B 182 12.15 17.01 -22.38
N LYS B 183 11.25 17.64 -21.62
CA LYS B 183 11.50 19.00 -21.19
C LYS B 183 12.58 19.03 -20.13
N VAL B 184 12.69 17.97 -19.34
CA VAL B 184 13.71 17.94 -18.31
C VAL B 184 15.07 17.84 -18.98
N LYS B 185 15.17 16.93 -19.94
CA LYS B 185 16.40 16.67 -20.65
C LYS B 185 16.93 17.84 -21.50
N TYR B 186 16.01 18.53 -22.17
CA TYR B 186 16.42 19.63 -23.05
C TYR B 186 16.17 21.05 -22.56
N GLY B 187 15.75 21.21 -21.31
CA GLY B 187 15.52 22.54 -20.79
C GLY B 187 15.67 22.61 -19.28
N ASN B 188 15.13 23.66 -18.68
CA ASN B 188 15.20 23.84 -17.24
C ASN B 188 13.85 23.44 -16.65
N TYR B 189 13.67 22.17 -16.38
CA TYR B 189 12.40 21.69 -15.90
C TYR B 189 12.45 20.40 -15.07
N ALA B 190 11.61 20.35 -14.04
CA ALA B 190 11.48 19.17 -13.20
C ALA B 190 10.08 18.63 -13.53
N PHE B 191 9.98 17.33 -13.79
CA PHE B 191 8.70 16.69 -14.13
C PHE B 191 8.16 15.80 -13.02
N VAL B 192 7.00 16.18 -12.48
CA VAL B 192 6.38 15.43 -11.41
C VAL B 192 5.39 14.44 -12.01
N TRP B 193 5.71 13.17 -11.87
CA TRP B 193 4.90 12.10 -12.44
C TRP B 193 4.99 10.83 -11.63
N ASP B 194 4.43 9.76 -12.18
CA ASP B 194 4.46 8.44 -11.58
C ASP B 194 5.94 8.07 -11.43
N ALA B 195 6.35 7.78 -10.19
CA ALA B 195 7.75 7.48 -9.88
C ALA B 195 8.33 6.25 -10.60
N ALA B 196 7.51 5.21 -10.73
CA ALA B 196 7.93 3.98 -11.38
C ALA B 196 8.24 4.25 -12.83
N VAL B 197 7.35 5.00 -13.48
CA VAL B 197 7.52 5.37 -14.87
C VAL B 197 8.79 6.22 -15.07
N LEU B 198 8.94 7.23 -14.22
CA LEU B 198 10.09 8.12 -14.30
C LEU B 198 11.37 7.35 -14.02
N GLU B 199 11.27 6.33 -13.17
CA GLU B 199 12.41 5.52 -12.79
C GLU B 199 12.96 4.71 -13.97
N TYR B 200 12.06 4.07 -14.72
CA TYR B 200 12.45 3.26 -15.87
C TYR B 200 13.15 4.19 -16.86
N VAL B 201 12.67 5.42 -16.93
CA VAL B 201 13.24 6.42 -17.82
C VAL B 201 14.61 6.89 -17.34
N ALA B 202 14.76 7.01 -16.04
CA ALA B 202 16.04 7.46 -15.49
C ALA B 202 17.08 6.41 -15.82
N ILE B 203 16.80 5.18 -15.40
CA ILE B 203 17.66 4.01 -15.61
C ILE B 203 18.17 3.90 -17.04
N ASN B 204 17.25 3.67 -17.97
CA ASN B 204 17.55 3.48 -19.37
C ASN B 204 17.85 4.68 -20.26
N ASP B 205 18.15 5.84 -19.68
CA ASP B 205 18.46 6.98 -20.53
C ASP B 205 19.85 6.78 -21.12
N PRO B 206 19.97 6.80 -22.45
CA PRO B 206 21.23 6.62 -23.18
C PRO B 206 22.35 7.55 -22.73
N ASP B 207 22.00 8.66 -22.11
CA ASP B 207 22.99 9.64 -21.69
C ASP B 207 23.10 9.81 -20.18
N CYS B 208 22.19 9.20 -19.44
CA CYS B 208 22.18 9.32 -17.98
C CYS B 208 22.19 10.80 -17.62
N SER B 209 21.27 11.52 -18.25
CA SER B 209 21.11 12.93 -18.05
C SER B 209 20.00 13.14 -17.00
N PHE B 210 19.36 12.05 -16.63
CA PHE B 210 18.28 12.08 -15.66
C PHE B 210 18.66 11.51 -14.31
N TYR B 211 17.92 11.94 -13.30
CA TYR B 211 18.09 11.47 -11.95
C TYR B 211 16.78 11.73 -11.23
N THR B 212 16.30 10.78 -10.45
CA THR B 212 15.02 10.93 -9.77
C THR B 212 15.04 11.02 -8.25
N VAL B 213 13.87 11.28 -7.68
CA VAL B 213 13.72 11.37 -6.23
C VAL B 213 12.49 10.60 -5.77
N THR B 216 7.94 10.07 -3.28
CA THR B 216 7.58 10.23 -1.89
C THR B 216 7.04 8.92 -1.34
N VAL B 217 6.03 9.02 -0.47
CA VAL B 217 5.38 7.86 0.14
C VAL B 217 4.17 7.48 -0.70
N ALA B 218 3.47 6.41 -0.34
CA ALA B 218 2.35 5.95 -1.14
C ALA B 218 1.00 5.80 -0.49
N ASP B 219 -0.03 6.36 -1.12
CA ASP B 219 -1.38 6.27 -0.61
C ASP B 219 -2.26 5.42 -1.52
N ARG B 220 -1.64 4.87 -2.56
CA ARG B 220 -2.36 4.06 -3.54
C ARG B 220 -1.58 2.84 -3.98
N GLY B 221 -2.16 2.07 -4.89
CA GLY B 221 -1.49 0.90 -5.41
C GLY B 221 -2.05 0.51 -6.77
N TYR B 222 -1.20 -0.06 -7.61
CA TYR B 222 -1.63 -0.50 -8.94
C TYR B 222 -2.30 -1.85 -8.73
N GLY B 223 -3.45 -2.05 -9.36
CA GLY B 223 -4.15 -3.31 -9.20
C GLY B 223 -4.67 -3.92 -10.49
N ILE B 224 -5.04 -5.20 -10.43
CA ILE B 224 -5.58 -5.88 -11.59
C ILE B 224 -7.11 -5.67 -11.54
N ALA B 225 -7.64 -5.02 -12.56
CA ALA B 225 -9.06 -4.77 -12.58
C ALA B 225 -9.75 -5.96 -13.21
N LEU B 226 -10.90 -6.30 -12.64
CA LEU B 226 -11.70 -7.41 -13.11
C LEU B 226 -13.07 -6.83 -13.26
N GLN B 227 -14.02 -7.59 -13.78
CA GLN B 227 -15.34 -7.01 -13.90
C GLN B 227 -16.19 -7.25 -12.68
N HIS B 228 -16.96 -6.23 -12.33
CA HIS B 228 -17.87 -6.27 -11.21
C HIS B 228 -18.35 -7.70 -10.97
N GLY B 229 -18.03 -8.24 -9.80
CA GLY B 229 -18.46 -9.58 -9.44
C GLY B 229 -17.67 -10.72 -10.07
N SER B 230 -16.49 -10.41 -10.59
CA SER B 230 -15.66 -11.42 -11.21
C SER B 230 -15.35 -12.58 -10.28
N PRO B 231 -15.47 -13.83 -10.80
CA PRO B 231 -15.21 -15.06 -10.06
C PRO B 231 -13.70 -15.26 -9.83
N TYR B 232 -12.90 -14.54 -10.60
CA TYR B 232 -11.45 -14.67 -10.49
C TYR B 232 -10.85 -13.72 -9.47
N ARG B 233 -11.65 -12.80 -8.95
CA ARG B 233 -11.13 -11.82 -8.01
C ARG B 233 -10.39 -12.39 -6.82
N ASP B 234 -11.07 -13.18 -6.02
CA ASP B 234 -10.48 -13.75 -4.82
C ASP B 234 -9.17 -14.51 -5.10
N VAL B 235 -9.24 -15.49 -5.99
CA VAL B 235 -8.08 -16.30 -6.32
C VAL B 235 -6.90 -15.49 -6.88
N PHE B 236 -7.19 -14.43 -7.62
CA PHE B 236 -6.14 -13.60 -8.18
C PHE B 236 -5.39 -12.89 -7.08
N SER B 237 -6.12 -12.43 -6.08
CA SER B 237 -5.51 -11.74 -4.95
C SER B 237 -4.65 -12.69 -4.13
N GLN B 238 -5.14 -13.91 -3.95
CA GLN B 238 -4.41 -14.90 -3.18
C GLN B 238 -2.99 -15.11 -3.69
N ARG B 239 -2.83 -15.25 -5.00
CA ARG B 239 -1.48 -15.46 -5.50
C ARG B 239 -0.63 -14.20 -5.57
N ILE B 240 -1.26 -13.04 -5.64
CA ILE B 240 -0.46 -11.83 -5.66
C ILE B 240 0.08 -11.71 -4.23
N LEU B 241 -0.77 -12.00 -3.26
CA LEU B 241 -0.35 -11.97 -1.87
C LEU B 241 0.89 -12.88 -1.74
N GLU B 242 0.80 -14.06 -2.35
CA GLU B 242 1.90 -15.04 -2.37
C GLU B 242 3.20 -14.51 -2.99
N LEU B 243 3.13 -14.00 -4.22
CA LEU B 243 4.32 -13.45 -4.88
C LEU B 243 5.00 -12.34 -4.08
N GLN B 244 4.23 -11.52 -3.37
CA GLN B 244 4.82 -10.42 -2.58
C GLN B 244 5.49 -10.97 -1.33
N GLN B 245 4.71 -11.70 -0.55
CA GLN B 245 5.19 -12.27 0.70
C GLN B 245 6.29 -13.31 0.54
N SER B 246 6.49 -13.81 -0.67
CA SER B 246 7.53 -14.80 -0.89
C SER B 246 8.64 -14.20 -1.74
N GLY B 247 8.94 -12.93 -1.49
CA GLY B 247 9.99 -12.23 -2.22
C GLY B 247 10.01 -12.37 -3.74
N ASP B 248 9.19 -13.23 -4.31
CA ASP B 248 9.14 -13.43 -5.76
C ASP B 248 8.92 -12.10 -6.49
N MSE B 249 7.88 -11.38 -6.11
CA MSE B 249 7.54 -10.10 -6.72
C MSE B 249 8.75 -9.18 -6.75
O MSE B 249 9.00 -8.53 -7.76
CB MSE B 249 6.42 -9.42 -5.93
CG MSE B 249 5.74 -8.28 -6.67
SE MSE B 249 4.38 -8.98 -7.83
CE MSE B 249 5.29 -8.82 -9.52
N ASP B 250 9.50 -9.14 -5.66
CA ASP B 250 10.69 -8.29 -5.60
C ASP B 250 11.67 -8.63 -6.72
N ILE B 251 11.72 -9.90 -7.13
CA ILE B 251 12.61 -10.30 -8.20
C ILE B 251 12.08 -9.75 -9.53
N LEU B 252 10.79 -9.94 -9.77
CA LEU B 252 10.20 -9.41 -11.00
C LEU B 252 10.38 -7.90 -11.01
N LYS B 253 10.45 -7.30 -9.83
CA LYS B 253 10.61 -5.85 -9.72
C LYS B 253 12.05 -5.40 -10.01
N HIS B 254 13.03 -6.24 -9.72
CA HIS B 254 14.42 -5.91 -9.97
C HIS B 254 14.67 -6.13 -11.46
N LYS B 255 13.72 -6.80 -12.09
CA LYS B 255 13.80 -7.09 -13.52
C LYS B 255 13.70 -5.83 -14.37
N TRP B 256 12.77 -4.94 -14.03
CA TRP B 256 12.59 -3.71 -14.80
C TRP B 256 13.05 -2.46 -14.07
N TRP B 257 13.50 -2.62 -12.84
CA TRP B 257 13.98 -1.49 -12.01
C TRP B 257 15.22 -1.93 -11.22
N PRO B 258 16.31 -2.28 -11.93
CA PRO B 258 17.57 -2.72 -11.33
C PRO B 258 18.32 -1.63 -10.56
N LYS B 259 18.49 -0.54 -11.15
CA CA C . -11.26 -15.24 0.19
CA CA D . -16.13 -3.32 -7.12
#